data_5BTV
#
_entry.id   5BTV
#
_cell.length_a   82.550
_cell.length_b   112.310
_cell.length_c   62.570
_cell.angle_alpha   90.000
_cell.angle_beta   90.000
_cell.angle_gamma   90.000
#
_symmetry.space_group_name_H-M   'C 2 2 21'
#
loop_
_entity.id
_entity.type
_entity.pdbx_description
1 polymer '14-3-3 protein sigma'
2 polymer 'Microtubule-associated protein tau - peptide pS324'
3 non-polymer 'MAGNESIUM ION'
4 non-polymer 'CALCIUM ION'
5 non-polymer 'CHLORIDE ION'
6 water water
#
loop_
_entity_poly.entity_id
_entity_poly.type
_entity_poly.pdbx_seq_one_letter_code
_entity_poly.pdbx_strand_id
1 'polypeptide(L)'
;AMGSMERASLIQKAKLAEQAERYEDMAAFMKGAVEKGEELS(CSO)EERNLLSVAYKNVVGGQRAAWRVLSSIEQCSNEE
GSEEKGPEVREYREKVETELQGVCDTVLGLLDSHLIKEAGDAESRVFYLKMKGDYYRYLAEVATGDDKKRIIDSARSAYQ
EAMDISKKEMPPTNPIRLGLALNFSVFHYEIANSPEEAISLAKTTFDEAMADLHTLSEDSYKDSTLIMQLLRDNLTLWT
;
A
2 'polypeptide(L)' G(SEP)LG P
#
# COMPACT_ATOMS: atom_id res chain seq x y z
N ALA A 1 19.96 7.67 14.24
CA ALA A 1 19.62 6.25 14.73
C ALA A 1 20.29 5.26 13.79
N MET A 2 19.93 5.31 12.49
CA MET A 2 20.80 4.61 11.57
C MET A 2 21.73 5.63 10.93
N GLY A 3 21.84 6.82 11.56
CA GLY A 3 22.65 7.90 10.94
C GLY A 3 24.13 7.57 10.74
N SER A 4 24.66 6.67 11.60
CA SER A 4 26.08 6.34 11.48
CA SER A 4 26.09 6.30 11.46
C SER A 4 26.35 5.18 10.53
N MET A 5 25.29 4.53 9.99
CA MET A 5 25.53 3.37 9.13
C MET A 5 25.49 3.77 7.67
N GLU A 6 26.45 3.23 6.92
CA GLU A 6 26.49 3.49 5.42
C GLU A 6 25.15 3.13 4.74
N ARG A 7 24.75 3.96 3.79
CA ARG A 7 23.56 3.60 2.99
C ARG A 7 23.66 2.16 2.46
N ALA A 8 24.82 1.79 1.86
CA ALA A 8 24.86 0.52 1.18
C ALA A 8 24.71 -0.61 2.25
N SER A 9 25.23 -0.33 3.47
CA SER A 9 25.15 -1.34 4.53
C SER A 9 23.72 -1.48 5.02
N LEU A 10 23.00 -0.35 5.08
CA LEU A 10 21.57 -0.41 5.44
C LEU A 10 20.78 -1.26 4.43
N ILE A 11 21.06 -1.09 3.14
CA ILE A 11 20.34 -1.85 2.08
CA ILE A 11 20.29 -1.85 2.16
C ILE A 11 20.70 -3.33 2.22
N GLN A 12 22.01 -3.60 2.44
CA GLN A 12 22.44 -4.99 2.58
C GLN A 12 21.71 -5.66 3.77
N LYS A 13 21.66 -4.94 4.89
CA LYS A 13 21.03 -5.46 6.12
C LYS A 13 19.51 -5.56 5.97
N ALA A 14 18.90 -4.66 5.18
CA ALA A 14 17.45 -4.83 4.88
C ALA A 14 17.22 -6.15 4.15
N LYS A 15 18.12 -6.50 3.19
CA LYS A 15 17.88 -7.75 2.46
C LYS A 15 18.12 -8.94 3.39
N LEU A 16 19.08 -8.84 4.30
CA LEU A 16 19.31 -9.94 5.25
C LEU A 16 18.08 -10.07 6.16
N ALA A 17 17.60 -8.94 6.65
CA ALA A 17 16.40 -8.98 7.55
C ALA A 17 15.24 -9.58 6.79
N GLU A 18 15.03 -9.27 5.49
CA GLU A 18 13.95 -9.90 4.75
C GLU A 18 14.18 -11.47 4.78
N GLN A 19 15.40 -11.92 4.53
CA GLN A 19 15.66 -13.39 4.49
C GLN A 19 15.34 -14.04 5.83
N ALA A 20 15.60 -13.31 6.89
CA ALA A 20 15.38 -13.77 8.28
C ALA A 20 13.94 -13.56 8.73
N GLU A 21 13.08 -12.98 7.86
CA GLU A 21 11.70 -12.59 8.23
C GLU A 21 11.66 -11.64 9.44
N ARG A 22 12.63 -10.75 9.53
CA ARG A 22 12.68 -9.76 10.58
C ARG A 22 12.23 -8.43 10.02
N TYR A 23 10.90 -8.30 9.87
CA TYR A 23 10.42 -7.17 9.09
C TYR A 23 10.50 -5.82 9.81
N GLU A 24 10.36 -5.79 11.14
CA GLU A 24 10.57 -4.53 11.89
CA GLU A 24 10.57 -4.50 11.86
C GLU A 24 12.01 -4.03 11.66
N ASP A 25 12.98 -4.94 11.75
CA ASP A 25 14.38 -4.58 11.45
C ASP A 25 14.52 -4.09 9.99
N MET A 26 13.87 -4.77 9.06
CA MET A 26 14.05 -4.43 7.66
C MET A 26 13.51 -3.02 7.47
N ALA A 27 12.37 -2.73 8.13
CA ALA A 27 11.76 -1.41 7.94
C ALA A 27 12.64 -0.33 8.53
N ALA A 28 13.23 -0.58 9.70
CA ALA A 28 14.10 0.40 10.29
C ALA A 28 15.37 0.62 9.41
N PHE A 29 15.88 -0.46 8.79
CA PHE A 29 17.06 -0.30 7.92
C PHE A 29 16.65 0.53 6.70
N MET A 30 15.45 0.23 6.18
CA MET A 30 15.05 1.01 4.99
C MET A 30 14.68 2.47 5.30
N LYS A 31 14.14 2.73 6.49
CA LYS A 31 13.90 4.11 6.92
C LYS A 31 15.25 4.81 6.96
N GLY A 32 16.27 4.16 7.59
CA GLY A 32 17.60 4.77 7.63
C GLY A 32 18.09 5.07 6.21
N ALA A 33 17.90 4.13 5.29
CA ALA A 33 18.37 4.33 3.92
C ALA A 33 17.66 5.55 3.27
N VAL A 34 16.38 5.61 3.44
CA VAL A 34 15.64 6.75 2.85
C VAL A 34 16.20 8.05 3.43
N GLU A 35 16.43 8.05 4.75
CA GLU A 35 16.82 9.32 5.41
C GLU A 35 18.26 9.74 5.06
N LYS A 36 18.97 8.89 4.32
CA LYS A 36 20.20 9.39 3.71
C LYS A 36 20.00 10.48 2.67
N GLY A 37 18.77 10.58 2.13
CA GLY A 37 18.43 11.77 1.30
C GLY A 37 18.56 11.49 -0.20
N GLU A 38 19.18 10.37 -0.57
CA GLU A 38 19.31 10.00 -1.97
C GLU A 38 17.99 9.33 -2.48
N GLU A 39 17.69 9.50 -3.76
CA GLU A 39 16.52 8.77 -4.34
C GLU A 39 16.73 7.24 -4.25
N LEU A 40 15.64 6.46 -4.28
CA LEU A 40 15.73 5.01 -4.20
CA LEU A 40 15.77 4.99 -4.22
C LEU A 40 15.61 4.38 -5.58
N SER A 41 16.43 3.37 -5.80
CA SER A 41 16.28 2.59 -7.05
C SER A 41 14.97 1.72 -7.05
N GLU A 43 14.70 -1.53 -7.01
CA GLU A 43 14.88 -2.62 -6.07
C GLU A 43 14.69 -2.08 -4.65
N GLU A 44 15.30 -0.94 -4.39
CA GLU A 44 15.21 -0.32 -3.03
C GLU A 44 13.77 0.13 -2.67
N ARG A 45 13.03 0.70 -3.66
CA ARG A 45 11.62 1.01 -3.37
C ARG A 45 10.86 -0.27 -3.01
N ASN A 46 11.14 -1.36 -3.71
CA ASN A 46 10.47 -2.59 -3.33
C ASN A 46 10.83 -3.07 -1.94
N LEU A 47 12.09 -2.90 -1.53
CA LEU A 47 12.48 -3.29 -0.18
C LEU A 47 11.70 -2.47 0.85
N LEU A 48 11.61 -1.18 0.61
CA LEU A 48 10.89 -0.25 1.52
C LEU A 48 9.42 -0.72 1.66
N SER A 49 8.77 -1.00 0.53
CA SER A 49 7.36 -1.39 0.51
CA SER A 49 7.36 -1.34 0.59
C SER A 49 7.15 -2.71 1.18
N VAL A 50 7.97 -3.70 0.84
CA VAL A 50 7.85 -5.03 1.53
C VAL A 50 7.98 -4.91 3.05
N ALA A 51 8.95 -4.13 3.51
CA ALA A 51 9.24 -4.04 4.96
C ALA A 51 8.00 -3.51 5.66
N TYR A 52 7.54 -2.37 5.22
CA TYR A 52 6.43 -1.74 5.95
C TYR A 52 5.11 -2.46 5.70
N LYS A 53 4.93 -3.12 4.55
CA LYS A 53 3.69 -3.83 4.33
CA LYS A 53 3.74 -3.93 4.26
CA LYS A 53 3.69 -3.82 4.33
C LYS A 53 3.59 -4.99 5.32
N ASN A 54 4.70 -5.68 5.57
CA ASN A 54 4.69 -6.75 6.54
C ASN A 54 4.49 -6.22 7.93
N VAL A 55 5.13 -5.09 8.30
CA VAL A 55 4.99 -4.58 9.65
C VAL A 55 3.52 -4.16 9.89
N VAL A 56 2.99 -3.29 9.03
CA VAL A 56 1.61 -2.85 9.21
CA VAL A 56 1.62 -2.81 9.17
C VAL A 56 0.65 -3.98 9.00
N GLY A 57 1.01 -5.02 8.18
CA GLY A 57 0.06 -6.12 7.98
C GLY A 57 -0.19 -6.88 9.30
N GLY A 58 0.89 -7.13 10.02
CA GLY A 58 0.79 -7.69 11.34
C GLY A 58 -0.09 -6.84 12.27
N GLN A 59 0.13 -5.52 12.27
CA GLN A 59 -0.59 -4.65 13.17
C GLN A 59 -2.07 -4.68 12.78
N ARG A 60 -2.35 -4.65 11.48
CA ARG A 60 -3.75 -4.65 11.00
C ARG A 60 -4.45 -5.95 11.41
N ALA A 61 -3.77 -7.07 11.29
CA ALA A 61 -4.44 -8.34 11.60
C ALA A 61 -4.69 -8.36 13.10
N ALA A 62 -3.75 -7.89 13.91
CA ALA A 62 -3.97 -7.85 15.35
C ALA A 62 -5.09 -6.90 15.75
N TRP A 63 -5.10 -5.71 15.14
CA TRP A 63 -6.15 -4.75 15.43
C TRP A 63 -7.53 -5.37 15.10
N ARG A 64 -7.61 -6.15 14.01
CA ARG A 64 -8.90 -6.73 13.63
CA ARG A 64 -8.92 -6.71 13.65
C ARG A 64 -9.36 -7.74 14.65
N VAL A 65 -8.43 -8.56 15.12
CA VAL A 65 -8.76 -9.55 16.21
C VAL A 65 -9.28 -8.82 17.44
N LEU A 66 -8.57 -7.77 17.89
CA LEU A 66 -8.93 -7.03 19.10
C LEU A 66 -10.24 -6.27 18.93
N SER A 67 -10.43 -5.68 17.74
CA SER A 67 -11.68 -4.92 17.51
CA SER A 67 -11.69 -4.95 17.49
C SER A 67 -12.89 -5.87 17.54
N SER A 68 -12.72 -7.07 17.01
CA SER A 68 -13.78 -8.09 16.98
CA SER A 68 -13.82 -8.02 16.98
C SER A 68 -14.15 -8.46 18.39
N ILE A 69 -13.12 -8.69 19.21
CA ILE A 69 -13.35 -9.03 20.65
C ILE A 69 -14.04 -7.87 21.35
N GLU A 70 -13.61 -6.64 21.07
CA GLU A 70 -14.16 -5.48 21.74
C GLU A 70 -15.64 -5.34 21.36
N GLN A 71 -15.94 -5.59 20.08
CA GLN A 71 -17.34 -5.48 19.61
C GLN A 71 -18.24 -6.49 20.28
N CYS A 72 -17.81 -7.76 20.33
CA CYS A 72 -18.47 -8.82 21.12
C CYS A 72 -18.79 -8.35 22.56
N SER A 73 -17.81 -7.76 23.23
CA SER A 73 -17.98 -7.25 24.61
CA SER A 73 -18.07 -7.32 24.60
C SER A 73 -18.99 -6.09 24.71
N ASN A 74 -19.26 -5.42 23.59
CA ASN A 74 -20.22 -4.31 23.56
C ASN A 74 -21.62 -4.73 23.08
N GLY A 82 -14.42 -4.75 31.86
CA GLY A 82 -13.59 -3.61 32.27
C GLY A 82 -12.96 -3.01 31.04
N PRO A 83 -11.97 -2.13 31.25
CA PRO A 83 -11.45 -1.32 30.19
C PRO A 83 -10.35 -2.01 29.39
N GLU A 84 -9.96 -3.23 29.75
CA GLU A 84 -8.72 -3.77 29.19
C GLU A 84 -8.76 -4.01 27.68
N VAL A 85 -9.86 -4.54 27.15
CA VAL A 85 -9.88 -4.87 25.72
C VAL A 85 -9.77 -3.55 24.97
N ARG A 86 -10.55 -2.57 25.39
CA ARG A 86 -10.48 -1.24 24.74
C ARG A 86 -9.07 -0.67 24.86
N GLU A 87 -8.47 -0.74 26.06
CA GLU A 87 -7.10 -0.21 26.27
C GLU A 87 -6.09 -0.87 25.31
N TYR A 88 -6.17 -2.18 25.17
CA TYR A 88 -5.13 -2.86 24.43
C TYR A 88 -5.40 -2.69 22.90
N ARG A 89 -6.69 -2.71 22.53
CA ARG A 89 -6.99 -2.33 21.10
C ARG A 89 -6.46 -0.91 20.77
N GLU A 90 -6.63 0.06 21.68
CA GLU A 90 -6.07 1.39 21.51
CA GLU A 90 -6.03 1.39 21.51
C GLU A 90 -4.53 1.42 21.44
N LYS A 91 -3.86 0.56 22.22
CA LYS A 91 -2.38 0.53 22.18
C LYS A 91 -1.93 0.06 20.79
N VAL A 92 -2.53 -1.03 20.32
CA VAL A 92 -2.19 -1.64 19.01
C VAL A 92 -2.56 -0.61 17.93
N GLU A 93 -3.72 0.03 18.06
CA GLU A 93 -4.16 1.07 17.10
C GLU A 93 -3.16 2.25 17.01
N THR A 94 -2.67 2.68 18.16
CA THR A 94 -1.73 3.81 18.22
C THR A 94 -0.44 3.43 17.52
N GLU A 95 0.01 2.18 17.74
CA GLU A 95 1.29 1.77 17.19
CA GLU A 95 1.26 1.67 17.20
C GLU A 95 1.12 1.63 15.66
N LEU A 96 -0.04 1.12 15.24
CA LEU A 96 -0.36 1.08 13.80
CA LEU A 96 -0.33 1.07 13.79
C LEU A 96 -0.34 2.48 13.17
N GLN A 97 -1.01 3.45 13.81
CA GLN A 97 -1.05 4.83 13.31
C GLN A 97 0.33 5.38 13.26
N GLY A 98 1.15 5.03 14.26
CA GLY A 98 2.54 5.49 14.23
C GLY A 98 3.33 5.02 13.03
N VAL A 99 3.16 3.77 12.68
CA VAL A 99 3.85 3.16 11.50
C VAL A 99 3.33 3.82 10.25
N CYS A 100 2.00 4.04 10.17
CA CYS A 100 1.49 4.74 8.96
C CYS A 100 2.05 6.17 8.90
N ASP A 101 2.03 6.90 10.03
CA ASP A 101 2.59 8.27 10.06
C ASP A 101 4.07 8.30 9.67
N THR A 102 4.82 7.25 10.04
CA THR A 102 6.25 7.19 9.69
C THR A 102 6.40 7.03 8.15
N VAL A 103 5.63 6.11 7.58
CA VAL A 103 5.76 5.91 6.15
C VAL A 103 5.32 7.16 5.43
N LEU A 104 4.17 7.73 5.81
CA LEU A 104 3.69 8.99 5.17
C LEU A 104 4.73 10.11 5.28
N GLY A 105 5.40 10.11 6.42
CA GLY A 105 6.48 11.10 6.63
C GLY A 105 7.67 10.91 5.71
N LEU A 106 8.03 9.66 5.40
CA LEU A 106 9.12 9.44 4.50
C LEU A 106 8.70 9.87 3.10
N LEU A 107 7.44 9.58 2.74
CA LEU A 107 7.00 9.97 1.40
C LEU A 107 6.95 11.48 1.27
N ASP A 108 6.55 12.20 2.34
CA ASP A 108 6.45 13.67 2.28
C ASP A 108 7.79 14.39 2.47
N SER A 109 8.74 13.68 3.05
CA SER A 109 10.09 14.22 3.32
C SER A 109 11.20 13.25 2.97
N HIS A 110 11.61 13.05 1.69
CA HIS A 110 11.13 13.88 0.58
C HIS A 110 10.96 13.02 -0.65
N LEU A 111 10.47 11.78 -0.44
CA LEU A 111 10.50 10.84 -1.56
C LEU A 111 9.64 11.33 -2.76
N ILE A 112 8.43 11.72 -2.52
CA ILE A 112 7.51 12.01 -3.59
C ILE A 112 8.00 13.26 -4.36
N LYS A 113 8.43 14.27 -3.64
CA LYS A 113 8.79 15.49 -4.35
C LYS A 113 9.99 15.31 -5.24
N GLU A 114 10.91 14.36 -4.93
CA GLU A 114 12.09 14.11 -5.78
C GLU A 114 11.78 13.10 -6.92
N ALA A 115 10.57 12.50 -6.90
CA ALA A 115 10.33 11.35 -7.82
C ALA A 115 9.75 11.93 -9.10
N GLY A 116 10.54 11.90 -10.13
CA GLY A 116 10.12 12.46 -11.47
C GLY A 116 9.72 11.44 -12.51
N ASP A 117 10.24 10.25 -12.41
CA ASP A 117 9.90 9.24 -13.39
C ASP A 117 8.58 8.62 -13.02
N ALA A 118 7.81 8.18 -14.01
CA ALA A 118 6.52 7.60 -13.69
C ALA A 118 6.61 6.39 -12.79
N GLU A 119 7.60 5.48 -12.96
CA GLU A 119 7.67 4.28 -12.13
C GLU A 119 7.87 4.65 -10.67
N SER A 120 8.65 5.69 -10.39
CA SER A 120 8.87 6.05 -8.97
CA SER A 120 8.87 6.05 -8.98
C SER A 120 7.69 6.83 -8.42
N ARG A 121 7.22 7.79 -9.20
CA ARG A 121 6.12 8.67 -8.72
C ARG A 121 4.84 7.90 -8.48
N VAL A 122 4.47 7.02 -9.43
CA VAL A 122 3.27 6.20 -9.23
C VAL A 122 3.43 5.27 -8.02
N PHE A 123 4.61 4.65 -7.87
CA PHE A 123 4.87 3.75 -6.75
C PHE A 123 4.65 4.52 -5.44
N TYR A 124 5.24 5.73 -5.31
CA TYR A 124 5.18 6.41 -4.03
C TYR A 124 3.77 6.92 -3.78
N LEU A 125 3.09 7.40 -4.82
CA LEU A 125 1.72 7.92 -4.58
C LEU A 125 0.76 6.77 -4.25
N LYS A 126 0.95 5.61 -4.89
CA LYS A 126 0.16 4.41 -4.46
C LYS A 126 0.42 4.11 -3.00
N MET A 127 1.68 4.16 -2.60
CA MET A 127 2.00 3.93 -1.16
CA MET A 127 1.98 3.93 -1.16
C MET A 127 1.29 4.95 -0.25
N LYS A 128 1.31 6.24 -0.62
CA LYS A 128 0.63 7.27 0.15
C LYS A 128 -0.85 6.88 0.26
N GLY A 129 -1.46 6.47 -0.83
CA GLY A 129 -2.90 6.04 -0.81
C GLY A 129 -3.07 4.89 0.15
N ASP A 130 -2.18 3.86 0.05
CA ASP A 130 -2.35 2.66 0.87
C ASP A 130 -2.20 3.03 2.37
N TYR A 131 -1.25 3.90 2.74
CA TYR A 131 -1.07 4.12 4.19
C TYR A 131 -2.16 5.06 4.76
N TYR A 132 -2.70 5.92 3.91
CA TYR A 132 -3.88 6.65 4.41
C TYR A 132 -5.06 5.69 4.49
N ARG A 133 -5.13 4.71 3.55
CA ARG A 133 -6.19 3.73 3.61
C ARG A 133 -6.10 2.92 4.93
N TYR A 134 -4.88 2.58 5.34
CA TYR A 134 -4.82 1.86 6.66
C TYR A 134 -5.19 2.76 7.82
N LEU A 135 -4.82 4.03 7.77
CA LEU A 135 -5.35 4.98 8.75
C LEU A 135 -6.84 5.02 8.73
N ALA A 136 -7.40 5.00 7.53
CA ALA A 136 -8.92 5.12 7.49
C ALA A 136 -9.56 3.89 8.11
N GLU A 137 -8.95 2.69 7.97
CA GLU A 137 -9.53 1.45 8.48
C GLU A 137 -9.79 1.56 10.02
N VAL A 138 -9.00 2.35 10.73
CA VAL A 138 -9.13 2.45 12.19
C VAL A 138 -9.73 3.78 12.63
N ALA A 139 -10.00 4.67 11.66
CA ALA A 139 -10.47 6.02 11.97
C ALA A 139 -11.96 6.02 12.19
N THR A 140 -12.41 6.93 13.04
CA THR A 140 -13.85 7.08 13.23
CA THR A 140 -13.86 7.09 13.20
C THR A 140 -14.29 8.55 12.96
N GLY A 141 -15.46 8.69 12.33
CA GLY A 141 -16.22 9.97 12.31
C GLY A 141 -15.75 10.88 11.18
N ASP A 142 -15.60 12.16 11.52
CA ASP A 142 -15.22 13.22 10.58
C ASP A 142 -13.76 13.07 10.26
N ASP A 143 -13.00 12.87 11.31
CA ASP A 143 -11.64 12.51 11.12
C ASP A 143 -11.48 11.47 9.94
N LYS A 144 -12.29 10.40 9.98
CA LYS A 144 -12.35 9.40 8.96
C LYS A 144 -12.52 10.06 7.55
N LYS A 145 -13.39 11.08 7.46
CA LYS A 145 -13.60 11.72 6.11
C LYS A 145 -12.38 12.32 5.51
N ARG A 146 -11.66 13.17 6.26
CA ARG A 146 -10.49 13.82 5.76
C ARG A 146 -9.42 12.75 5.40
N ILE A 147 -9.33 11.65 6.15
CA ILE A 147 -8.27 10.66 5.87
C ILE A 147 -8.65 9.92 4.54
N ILE A 148 -9.93 9.60 4.38
CA ILE A 148 -10.42 8.94 3.20
C ILE A 148 -10.12 9.81 2.00
N ASP A 149 -10.38 11.11 2.13
CA ASP A 149 -10.13 11.98 1.01
CA ASP A 149 -10.10 12.05 1.06
C ASP A 149 -8.62 12.08 0.67
N SER A 150 -7.76 12.06 1.69
CA SER A 150 -6.31 11.98 1.44
C SER A 150 -5.96 10.74 0.68
N ALA A 151 -6.54 9.63 1.11
CA ALA A 151 -6.22 8.34 0.37
C ALA A 151 -6.67 8.50 -1.08
N ARG A 152 -7.92 8.95 -1.24
CA ARG A 152 -8.48 9.02 -2.63
CA ARG A 152 -8.50 9.05 -2.60
C ARG A 152 -7.64 9.93 -3.53
N SER A 153 -7.24 11.08 -2.99
CA SER A 153 -6.45 12.04 -3.74
CA SER A 153 -6.45 12.02 -3.77
C SER A 153 -5.13 11.43 -4.20
N ALA A 154 -4.49 10.72 -3.28
CA ALA A 154 -3.20 10.12 -3.61
C ALA A 154 -3.37 9.07 -4.73
N TYR A 155 -4.35 8.18 -4.54
CA TYR A 155 -4.65 7.15 -5.53
C TYR A 155 -5.04 7.76 -6.87
N GLN A 156 -5.79 8.85 -6.81
CA GLN A 156 -6.22 9.48 -8.11
C GLN A 156 -5.04 10.07 -8.84
N GLU A 157 -4.15 10.78 -8.11
CA GLU A 157 -2.96 11.35 -8.80
CA GLU A 157 -2.95 11.35 -8.78
C GLU A 157 -2.13 10.22 -9.42
N ALA A 158 -1.94 9.13 -8.66
CA ALA A 158 -1.18 8.00 -9.16
C ALA A 158 -1.89 7.40 -10.40
N MET A 159 -3.22 7.30 -10.36
CA MET A 159 -3.96 6.68 -11.52
C MET A 159 -3.73 7.62 -12.73
N ASP A 160 -3.87 8.93 -12.49
CA ASP A 160 -3.77 9.86 -13.66
C ASP A 160 -2.38 9.73 -14.35
N ILE A 161 -1.28 9.67 -13.58
CA ILE A 161 0.05 9.51 -14.16
C ILE A 161 0.18 8.16 -14.82
N SER A 162 -0.34 7.08 -14.18
CA SER A 162 -0.14 5.72 -14.71
C SER A 162 -0.87 5.55 -16.07
N LYS A 163 -2.02 6.23 -16.20
CA LYS A 163 -2.80 6.06 -17.44
C LYS A 163 -2.12 6.83 -18.56
N LYS A 164 -1.42 7.90 -18.23
CA LYS A 164 -0.74 8.69 -19.25
CA LYS A 164 -0.72 8.71 -19.23
C LYS A 164 0.63 8.09 -19.61
N GLU A 165 1.30 7.47 -18.62
CA GLU A 165 2.70 7.11 -18.76
C GLU A 165 3.08 5.68 -18.82
N MET A 166 2.18 4.75 -18.54
CA MET A 166 2.57 3.34 -18.46
C MET A 166 1.56 2.57 -19.29
N PRO A 167 1.98 1.40 -19.83
CA PRO A 167 1.05 0.55 -20.58
C PRO A 167 0.07 -0.10 -19.62
N PRO A 168 -1.09 -0.57 -20.14
CA PRO A 168 -2.11 -1.10 -19.25
C PRO A 168 -1.70 -2.37 -18.55
N THR A 169 -0.65 -3.05 -19.05
CA THR A 169 -0.17 -4.22 -18.38
C THR A 169 0.95 -3.97 -17.35
N ASN A 170 1.38 -2.71 -17.21
CA ASN A 170 2.50 -2.45 -16.27
C ASN A 170 2.16 -2.90 -14.86
N PRO A 171 2.98 -3.76 -14.22
CA PRO A 171 2.55 -4.26 -12.89
C PRO A 171 2.33 -3.22 -11.83
N ILE A 172 3.09 -2.13 -11.89
CA ILE A 172 2.87 -1.00 -10.98
CA ILE A 172 2.80 -1.12 -10.87
C ILE A 172 1.45 -0.49 -11.17
N ARG A 173 1.15 -0.21 -12.43
CA ARG A 173 -0.22 0.31 -12.76
C ARG A 173 -1.31 -0.68 -12.38
N LEU A 174 -1.06 -1.95 -12.57
CA LEU A 174 -2.08 -2.95 -12.23
C LEU A 174 -2.23 -3.05 -10.75
N GLY A 175 -1.13 -3.02 -10.01
CA GLY A 175 -1.27 -3.03 -8.53
C GLY A 175 -1.90 -1.80 -7.90
N LEU A 176 -1.66 -0.65 -8.50
CA LEU A 176 -2.35 0.58 -8.07
C LEU A 176 -3.85 0.43 -8.30
N ALA A 177 -4.23 -0.04 -9.49
CA ALA A 177 -5.66 -0.16 -9.76
C ALA A 177 -6.30 -1.18 -8.84
N LEU A 178 -5.60 -2.28 -8.57
CA LEU A 178 -6.12 -3.31 -7.61
C LEU A 178 -6.39 -2.63 -6.25
N ASN A 179 -5.39 -1.90 -5.74
CA ASN A 179 -5.59 -1.30 -4.39
C ASN A 179 -6.60 -0.18 -4.41
N PHE A 180 -6.67 0.64 -5.50
CA PHE A 180 -7.67 1.70 -5.48
C PHE A 180 -9.05 1.02 -5.55
N SER A 181 -9.18 -0.12 -6.28
CA SER A 181 -10.47 -0.82 -6.34
CA SER A 181 -10.49 -0.81 -6.34
C SER A 181 -10.85 -1.30 -4.94
N VAL A 182 -9.86 -1.80 -4.20
CA VAL A 182 -10.16 -2.24 -2.80
C VAL A 182 -10.56 -1.04 -1.91
N PHE A 183 -9.91 0.12 -2.13
CA PHE A 183 -10.25 1.34 -1.42
C PHE A 183 -11.75 1.63 -1.69
N HIS A 184 -12.14 1.61 -2.98
CA HIS A 184 -13.53 1.89 -3.25
C HIS A 184 -14.47 0.92 -2.54
N TYR A 185 -14.14 -0.35 -2.58
CA TYR A 185 -15.11 -1.36 -2.05
C TYR A 185 -15.13 -1.34 -0.52
N GLU A 186 -13.95 -1.21 0.08
CA GLU A 186 -13.86 -1.43 1.56
C GLU A 186 -13.90 -0.15 2.35
N ILE A 187 -13.49 0.96 1.78
CA ILE A 187 -13.38 2.19 2.58
C ILE A 187 -14.39 3.20 2.16
N ALA A 188 -14.53 3.37 0.83
CA ALA A 188 -15.36 4.45 0.32
C ALA A 188 -16.79 4.10 0.08
N ASN A 189 -17.19 2.92 0.46
CA ASN A 189 -18.59 2.45 0.30
C ASN A 189 -19.06 2.61 -1.15
N SER A 190 -18.16 2.29 -2.09
CA SER A 190 -18.47 2.49 -3.53
CA SER A 190 -18.47 2.47 -3.53
C SER A 190 -18.21 1.17 -4.26
N PRO A 191 -18.98 0.13 -3.95
CA PRO A 191 -18.68 -1.16 -4.56
C PRO A 191 -18.85 -1.12 -6.08
N GLU A 192 -19.74 -0.27 -6.60
CA GLU A 192 -19.83 -0.25 -8.07
C GLU A 192 -18.61 0.33 -8.73
N GLU A 193 -18.04 1.37 -8.09
CA GLU A 193 -16.84 1.96 -8.63
C GLU A 193 -15.68 0.92 -8.55
N ALA A 194 -15.66 0.19 -7.45
CA ALA A 194 -14.66 -0.90 -7.31
C ALA A 194 -14.72 -1.95 -8.38
N ILE A 195 -15.92 -2.42 -8.67
CA ILE A 195 -16.10 -3.44 -9.73
C ILE A 195 -15.79 -2.87 -11.11
N SER A 196 -16.23 -1.64 -11.39
CA SER A 196 -15.97 -1.04 -12.67
CA SER A 196 -15.96 -1.04 -12.68
C SER A 196 -14.47 -0.84 -12.90
N LEU A 197 -13.80 -0.37 -11.83
CA LEU A 197 -12.36 -0.18 -11.99
C LEU A 197 -11.67 -1.49 -12.21
N ALA A 198 -12.05 -2.50 -11.41
CA ALA A 198 -11.28 -3.76 -11.54
C ALA A 198 -11.54 -4.44 -12.93
N LYS A 199 -12.78 -4.35 -13.39
CA LYS A 199 -13.20 -4.86 -14.71
CA LYS A 199 -13.17 -4.93 -14.69
C LYS A 199 -12.49 -4.17 -15.85
N THR A 200 -12.53 -2.85 -15.88
CA THR A 200 -11.86 -2.10 -16.95
CA THR A 200 -11.85 -2.15 -16.99
C THR A 200 -10.34 -2.35 -16.95
N THR A 201 -9.79 -2.40 -15.75
CA THR A 201 -8.34 -2.62 -15.63
C THR A 201 -7.97 -3.99 -16.17
N PHE A 202 -8.77 -4.99 -15.79
CA PHE A 202 -8.48 -6.36 -16.28
C PHE A 202 -8.58 -6.42 -17.81
N ASP A 203 -9.65 -5.88 -18.35
CA ASP A 203 -9.95 -6.00 -19.82
C ASP A 203 -8.88 -5.23 -20.59
N GLU A 204 -8.45 -4.06 -20.12
CA GLU A 204 -7.41 -3.29 -20.79
CA GLU A 204 -7.43 -3.35 -20.89
C GLU A 204 -6.06 -4.02 -20.77
N ALA A 205 -5.79 -4.70 -19.66
CA ALA A 205 -4.50 -5.42 -19.59
C ALA A 205 -4.60 -6.65 -20.55
N MET A 206 -5.72 -7.35 -20.52
CA MET A 206 -5.91 -8.56 -21.37
CA MET A 206 -5.82 -8.58 -21.34
C MET A 206 -5.54 -8.24 -22.81
N ALA A 207 -6.02 -7.09 -23.25
CA ALA A 207 -5.85 -6.66 -24.65
C ALA A 207 -4.42 -6.33 -25.02
N ASP A 208 -3.56 -6.07 -24.02
CA ASP A 208 -2.18 -5.61 -24.18
CA ASP A 208 -2.21 -5.69 -24.41
C ASP A 208 -1.19 -6.80 -23.99
N LEU A 209 -1.68 -7.97 -23.53
CA LEU A 209 -0.79 -9.09 -23.17
C LEU A 209 0.05 -9.55 -24.34
N HIS A 210 -0.49 -9.38 -25.53
CA HIS A 210 0.17 -9.91 -26.75
C HIS A 210 1.53 -9.22 -26.95
N THR A 211 1.72 -8.02 -26.37
CA THR A 211 2.95 -7.25 -26.50
C THR A 211 4.09 -7.72 -25.62
N LEU A 212 3.80 -8.62 -24.68
CA LEU A 212 4.73 -8.92 -23.64
C LEU A 212 5.60 -10.14 -23.92
N SER A 213 6.84 -10.13 -23.41
CA SER A 213 7.63 -11.36 -23.24
C SER A 213 7.01 -12.37 -22.28
N GLU A 214 7.47 -13.61 -22.32
CA GLU A 214 7.03 -14.61 -21.39
C GLU A 214 7.16 -14.15 -19.93
N ASP A 215 8.28 -13.50 -19.55
CA ASP A 215 8.42 -13.13 -18.13
C ASP A 215 7.50 -11.93 -17.79
N SER A 216 7.36 -10.98 -18.69
CA SER A 216 6.46 -9.82 -18.41
C SER A 216 5.02 -10.34 -18.34
N TYR A 217 4.72 -11.30 -19.24
CA TYR A 217 3.38 -11.90 -19.20
C TYR A 217 3.03 -12.53 -17.88
N LYS A 218 3.97 -13.30 -17.31
CA LYS A 218 3.73 -13.91 -16.00
CA LYS A 218 3.81 -13.91 -15.99
C LYS A 218 3.51 -12.82 -14.91
N ASP A 219 4.33 -11.76 -14.93
CA ASP A 219 4.23 -10.65 -13.88
C ASP A 219 2.83 -10.02 -13.97
N SER A 220 2.41 -9.70 -15.18
CA SER A 220 1.08 -9.03 -15.39
C SER A 220 -0.09 -9.94 -15.11
N THR A 221 -0.02 -11.19 -15.62
CA THR A 221 -1.18 -12.07 -15.38
C THR A 221 -1.36 -12.41 -13.87
N LEU A 222 -0.27 -12.47 -13.12
CA LEU A 222 -0.36 -12.70 -11.70
C LEU A 222 -1.27 -11.63 -11.05
N ILE A 223 -1.04 -10.38 -11.39
CA ILE A 223 -1.87 -9.28 -10.76
C ILE A 223 -3.26 -9.24 -11.33
N MET A 224 -3.37 -9.53 -12.63
CA MET A 224 -4.74 -9.68 -13.24
C MET A 224 -5.56 -10.74 -12.50
N GLN A 225 -4.91 -11.84 -12.12
CA GLN A 225 -5.68 -12.86 -11.37
C GLN A 225 -6.21 -12.33 -10.05
N LEU A 226 -5.41 -11.48 -9.37
CA LEU A 226 -5.91 -10.80 -8.16
C LEU A 226 -7.13 -9.89 -8.42
N LEU A 227 -7.16 -9.16 -9.55
CA LEU A 227 -8.35 -8.39 -9.88
C LEU A 227 -9.52 -9.31 -10.10
N ARG A 228 -9.26 -10.40 -10.84
CA ARG A 228 -10.35 -11.40 -11.09
C ARG A 228 -10.88 -12.04 -9.80
N ASP A 229 -9.99 -12.34 -8.88
CA ASP A 229 -10.41 -12.99 -7.60
C ASP A 229 -11.31 -12.01 -6.84
N ASN A 230 -10.94 -10.72 -6.86
CA ASN A 230 -11.84 -9.73 -6.23
C ASN A 230 -13.18 -9.63 -6.94
N LEU A 231 -13.16 -9.57 -8.27
CA LEU A 231 -14.41 -9.51 -9.00
C LEU A 231 -15.30 -10.70 -8.73
N THR A 232 -14.69 -11.85 -8.54
CA THR A 232 -15.48 -13.07 -8.13
C THR A 232 -16.10 -12.93 -6.74
N LEU A 233 -15.37 -12.31 -5.82
CA LEU A 233 -15.81 -12.10 -4.47
C LEU A 233 -16.96 -11.08 -4.50
N TRP A 234 -16.87 -10.06 -5.36
CA TRP A 234 -17.75 -8.90 -5.28
C TRP A 234 -19.00 -9.01 -6.16
N THR A 235 -19.03 -9.99 -7.07
CA THR A 235 -20.14 -10.11 -7.96
C THR A 235 -20.83 -11.48 -7.84
N GLY B 1 -7.97 -8.18 0.09
CA GLY B 1 -8.09 -8.24 -1.39
C GLY B 1 -7.02 -7.36 -2.06
N LEU B 3 -3.02 -5.80 -3.01
CA LEU B 3 -1.82 -6.39 -3.59
C LEU B 3 -1.02 -7.10 -2.52
N GLY B 4 -0.35 -8.16 -2.92
CA GLY B 4 0.36 -8.98 -1.93
C GLY B 4 -0.68 -9.81 -1.20
#